data_3AI1
#
_entry.id   3AI1
#
_cell.length_a   124.186
_cell.length_b   124.124
_cell.length_c   60.848
_cell.angle_alpha   90.00
_cell.angle_beta   90.00
_cell.angle_gamma   90.00
#
_symmetry.space_group_name_H-M   'C 2 2 21'
#
loop_
_entity.id
_entity.type
_entity.pdbx_description
1 polymer 'NADPH-sorbose reductase'
2 water water
#
_entity_poly.entity_id   1
_entity_poly.type   'polypeptide(L)'
_entity_poly.pdbx_seq_one_letter_code
;MDMGISGKVAVITGSSSGIGLAIAEGFAKEGAHIVLVARQVDRLHEAARSLKEKFGVRVLEVAVDVATPEGVDAVVESVR
SSFGGADILVNNAGTGSNETIMEAADEKWQFYWELHVMAAVRLARGLVPGMRARGGGAIIHNASICAVQPLWYEPIYNVT
KAALMMFSKTLATEVIKDNIRVNCINPGLILTPDWIKTAKELTKDNGGDWKGYLQSVADEHAPIKRFASPEELANFFVFL
CSERATYSVGSAYFVDGGMLKTL
;
_entity_poly.pdbx_strand_id   A,B
#
# COMPACT_ATOMS: atom_id res chain seq x y z
N MET A 1 9.33 8.51 -9.78
CA MET A 1 8.37 7.55 -10.40
C MET A 1 7.31 8.31 -11.19
N ASP A 2 7.10 7.91 -12.44
CA ASP A 2 6.04 8.49 -13.28
C ASP A 2 4.73 7.77 -12.98
N MET A 3 3.77 8.52 -12.43
CA MET A 3 2.47 8.00 -12.02
C MET A 3 1.59 7.61 -13.19
N GLY A 4 1.83 8.24 -14.33
CA GLY A 4 1.12 7.91 -15.57
C GLY A 4 -0.34 8.29 -15.58
N ILE A 5 -0.69 9.38 -14.90
CA ILE A 5 -2.10 9.83 -14.82
C ILE A 5 -2.34 11.24 -15.35
N SER A 6 -1.35 11.83 -16.01
CA SER A 6 -1.54 13.15 -16.62
C SER A 6 -2.65 13.07 -17.66
N GLY A 7 -3.62 13.97 -17.54
CA GLY A 7 -4.74 14.02 -18.48
C GLY A 7 -5.92 13.17 -18.03
N LYS A 8 -5.74 12.46 -16.93
CA LYS A 8 -6.78 11.61 -16.37
C LYS A 8 -7.80 12.50 -15.67
N VAL A 9 -8.97 11.95 -15.39
CA VAL A 9 -10.05 12.73 -14.78
C VAL A 9 -10.34 12.14 -13.41
N ALA A 10 -10.06 12.92 -12.38
CA ALA A 10 -10.18 12.46 -11.01
C ALA A 10 -11.36 13.11 -10.29
N VAL A 11 -12.36 12.31 -9.96
CA VAL A 11 -13.47 12.74 -9.12
C VAL A 11 -13.14 12.46 -7.66
N ILE A 12 -13.19 13.49 -6.83
CA ILE A 12 -12.90 13.37 -5.40
C ILE A 12 -14.01 14.03 -4.57
N THR A 13 -14.66 13.23 -3.71
CA THR A 13 -15.70 13.73 -2.81
C THR A 13 -15.11 14.23 -1.49
N GLY A 14 -15.85 15.11 -0.80
CA GLY A 14 -15.37 15.77 0.41
C GLY A 14 -14.08 16.54 0.22
N SER A 15 -13.99 17.25 -0.91
CA SER A 15 -12.71 17.82 -1.33
C SER A 15 -12.56 19.34 -1.20
N SER A 16 -13.44 19.98 -0.43
CA SER A 16 -13.35 21.43 -0.21
C SER A 16 -12.29 21.77 0.83
N SER A 17 -11.95 20.81 1.69
CA SER A 17 -10.96 21.02 2.74
C SER A 17 -10.29 19.72 3.18
N GLY A 18 -9.33 19.85 4.09
CA GLY A 18 -8.72 18.72 4.77
C GLY A 18 -8.10 17.69 3.86
N ILE A 19 -8.42 16.42 4.14
CA ILE A 19 -7.87 15.28 3.39
C ILE A 19 -8.31 15.28 1.92
N GLY A 20 -9.59 15.56 1.67
CA GLY A 20 -10.12 15.57 0.31
C GLY A 20 -9.39 16.54 -0.59
N LEU A 21 -9.17 17.75 -0.08
CA LEU A 21 -8.44 18.79 -0.79
C LEU A 21 -6.99 18.38 -0.98
N ALA A 22 -6.36 17.85 0.07
CA ALA A 22 -4.97 17.40 -0.04
C ALA A 22 -4.82 16.28 -1.07
N ILE A 23 -5.80 15.38 -1.14
CA ILE A 23 -5.80 14.32 -2.16
C ILE A 23 -5.90 14.90 -3.57
N ALA A 24 -6.80 15.87 -3.73
CA ALA A 24 -7.03 16.52 -5.02
C ALA A 24 -5.80 17.28 -5.51
N GLU A 25 -5.07 17.91 -4.57
CA GLU A 25 -3.79 18.57 -4.89
C GLU A 25 -2.76 17.54 -5.32
N GLY A 26 -2.81 16.36 -4.69
CA GLY A 26 -1.92 15.26 -5.05
C GLY A 26 -2.10 14.82 -6.49
N PHE A 27 -3.36 14.71 -6.91
CA PHE A 27 -3.66 14.32 -8.27
C PHE A 27 -3.35 15.43 -9.27
N ALA A 28 -3.69 16.67 -8.91
CA ALA A 28 -3.41 17.84 -9.73
C ALA A 28 -1.91 18.02 -9.99
N LYS A 29 -1.11 17.76 -8.97
CA LYS A 29 0.35 17.76 -9.08
C LYS A 29 0.82 16.81 -10.18
N GLU A 30 0.14 15.68 -10.31
CA GLU A 30 0.51 14.65 -11.27
C GLU A 30 -0.14 14.84 -12.64
N GLY A 31 -0.79 16.00 -12.82
CA GLY A 31 -1.32 16.41 -14.12
C GLY A 31 -2.75 15.99 -14.41
N ALA A 32 -3.42 15.43 -13.40
CA ALA A 32 -4.80 14.98 -13.54
C ALA A 32 -5.78 16.15 -13.44
N HIS A 33 -6.84 16.09 -14.25
CA HIS A 33 -7.96 17.04 -14.13
C HIS A 33 -8.85 16.61 -12.98
N ILE A 34 -9.50 17.58 -12.33
CA ILE A 34 -10.18 17.33 -11.07
C ILE A 34 -11.66 17.71 -11.09
N VAL A 35 -12.48 16.79 -10.58
CA VAL A 35 -13.86 17.10 -10.26
C VAL A 35 -13.94 17.21 -8.75
N LEU A 36 -14.08 18.43 -8.26
CA LEU A 36 -14.24 18.68 -6.83
C LEU A 36 -15.70 18.55 -6.45
N VAL A 37 -15.99 17.62 -5.55
CA VAL A 37 -17.34 17.44 -5.02
C VAL A 37 -17.34 17.76 -3.53
N ALA A 38 -18.23 18.66 -3.13
CA ALA A 38 -18.41 19.02 -1.73
C ALA A 38 -19.75 19.73 -1.54
N ARG A 39 -20.13 19.98 -0.28
CA ARG A 39 -21.38 20.68 0.04
C ARG A 39 -21.30 22.20 -0.10
N GLN A 40 -20.19 22.79 0.37
CA GLN A 40 -20.06 24.23 0.47
C GLN A 40 -19.60 24.86 -0.84
N VAL A 41 -20.43 25.77 -1.34
CA VAL A 41 -20.25 26.37 -2.67
C VAL A 41 -19.06 27.34 -2.79
N ASP A 42 -18.89 28.23 -1.81
CA ASP A 42 -17.80 29.20 -1.85
C ASP A 42 -16.44 28.58 -1.54
N ARG A 43 -16.40 27.64 -0.59
CA ARG A 43 -15.19 26.88 -0.31
C ARG A 43 -14.70 26.15 -1.58
N LEU A 44 -15.64 25.62 -2.37
CA LEU A 44 -15.32 24.97 -3.65
C LEU A 44 -14.72 25.93 -4.68
N HIS A 45 -15.35 27.10 -4.86
CA HIS A 45 -14.88 28.10 -5.82
C HIS A 45 -13.42 28.45 -5.57
N GLU A 46 -13.06 28.50 -4.30
CA GLU A 46 -11.74 28.93 -3.86
C GLU A 46 -10.68 27.84 -3.99
N ALA A 47 -11.07 26.60 -3.68
CA ALA A 47 -10.18 25.44 -3.86
C ALA A 47 -9.88 25.27 -5.34
N ALA A 48 -10.92 25.40 -6.17
CA ALA A 48 -10.80 25.32 -7.63
C ALA A 48 -9.85 26.37 -8.19
N ARG A 49 -9.87 27.58 -7.64
CA ARG A 49 -8.95 28.63 -8.06
C ARG A 49 -7.49 28.26 -7.76
N SER A 50 -7.24 27.72 -6.56
CA SER A 50 -5.89 27.32 -6.16
C SER A 50 -5.31 26.26 -7.07
N LEU A 51 -6.14 25.29 -7.44
CA LEU A 51 -5.71 24.15 -8.25
C LEU A 51 -5.41 24.54 -9.68
N LYS A 52 -6.23 25.43 -10.24
CA LYS A 52 -6.05 25.90 -11.60
C LYS A 52 -4.78 26.74 -11.74
N GLU A 53 -4.52 27.60 -10.76
CA GLU A 53 -3.35 28.49 -10.79
C GLU A 53 -2.06 27.77 -10.41
N LYS A 54 -2.14 26.96 -9.36
CA LYS A 54 -0.95 26.33 -8.77
C LYS A 54 -0.45 25.14 -9.59
N PHE A 55 -1.35 24.50 -10.33
CA PHE A 55 -1.00 23.27 -11.08
C PHE A 55 -1.33 23.34 -12.56
N GLY A 56 -2.26 24.22 -12.92
CA GLY A 56 -2.64 24.42 -14.32
C GLY A 56 -3.47 23.29 -14.91
N VAL A 57 -4.43 22.78 -14.15
CA VAL A 57 -5.34 21.75 -14.65
C VAL A 57 -6.79 22.23 -14.68
N ARG A 58 -7.62 21.48 -15.41
CA ARG A 58 -9.05 21.75 -15.45
C ARG A 58 -9.72 21.28 -14.16
N VAL A 59 -10.58 22.12 -13.60
CA VAL A 59 -11.29 21.81 -12.36
C VAL A 59 -12.79 22.08 -12.49
N LEU A 60 -13.57 21.04 -12.27
CA LEU A 60 -15.03 21.13 -12.23
C LEU A 60 -15.47 21.12 -10.77
N GLU A 61 -16.40 22.00 -10.42
CA GLU A 61 -16.94 22.07 -9.06
C GLU A 61 -18.40 21.65 -9.05
N VAL A 62 -18.69 20.62 -8.26
CA VAL A 62 -20.04 20.13 -8.09
C VAL A 62 -20.46 20.37 -6.63
N ALA A 63 -21.34 21.35 -6.42
CA ALA A 63 -21.82 21.70 -5.08
C ALA A 63 -23.09 20.93 -4.73
N VAL A 64 -22.90 19.77 -4.10
CA VAL A 64 -24.00 18.86 -3.78
C VAL A 64 -23.78 18.08 -2.49
N ASP A 65 -24.84 17.41 -2.05
CA ASP A 65 -24.78 16.48 -0.93
C ASP A 65 -24.78 15.07 -1.48
N VAL A 66 -23.63 14.40 -1.39
CA VAL A 66 -23.46 13.04 -1.91
C VAL A 66 -24.16 11.98 -1.06
N ALA A 67 -24.62 12.39 0.13
CA ALA A 67 -25.38 11.52 1.02
C ALA A 67 -26.82 11.29 0.56
N THR A 68 -27.20 11.96 -0.54
CA THR A 68 -28.55 11.83 -1.10
C THR A 68 -28.44 11.30 -2.54
N PRO A 69 -29.49 10.60 -3.03
CA PRO A 69 -29.43 10.12 -4.41
C PRO A 69 -29.36 11.25 -5.44
N GLU A 70 -30.04 12.36 -5.15
CA GLU A 70 -30.03 13.54 -6.02
C GLU A 70 -28.65 14.16 -6.16
N GLY A 71 -27.96 14.33 -5.03
CA GLY A 71 -26.58 14.81 -5.01
C GLY A 71 -25.65 14.03 -5.93
N VAL A 72 -25.73 12.70 -5.86
CA VAL A 72 -24.86 11.84 -6.68
C VAL A 72 -25.25 11.86 -8.16
N ASP A 73 -26.55 11.92 -8.44
CA ASP A 73 -27.05 12.13 -9.80
C ASP A 73 -26.44 13.36 -10.47
N ALA A 74 -26.31 14.44 -9.71
CA ALA A 74 -25.77 15.70 -10.23
C ALA A 74 -24.27 15.62 -10.50
N VAL A 75 -23.55 14.85 -9.67
CA VAL A 75 -22.14 14.55 -9.91
C VAL A 75 -21.97 13.81 -11.23
N VAL A 76 -22.76 12.75 -11.42
CA VAL A 76 -22.73 11.93 -12.63
C VAL A 76 -22.95 12.76 -13.90
N GLU A 77 -24.06 13.52 -13.92
CA GLU A 77 -24.46 14.35 -15.05
C GLU A 77 -23.45 15.45 -15.36
N SER A 78 -22.87 16.02 -14.31
CA SER A 78 -21.87 17.08 -14.46
C SER A 78 -20.55 16.54 -15.03
N VAL A 79 -20.16 15.33 -14.63
CA VAL A 79 -18.96 14.69 -15.18
C VAL A 79 -19.21 14.33 -16.65
N ARG A 80 -20.40 13.78 -16.90
CA ARG A 80 -20.83 13.41 -18.25
C ARG A 80 -20.76 14.58 -19.21
N SER A 81 -21.25 15.74 -18.77
CA SER A 81 -21.35 16.91 -19.62
C SER A 81 -20.01 17.58 -19.84
N SER A 82 -19.17 17.58 -18.81
CA SER A 82 -17.90 18.29 -18.89
C SER A 82 -16.76 17.44 -19.45
N PHE A 83 -16.69 16.17 -19.03
CA PHE A 83 -15.58 15.27 -19.41
C PHE A 83 -16.02 14.01 -20.15
N GLY A 84 -17.29 13.63 -20.01
CA GLY A 84 -17.80 12.39 -20.60
C GLY A 84 -17.78 11.23 -19.61
N GLY A 85 -16.78 11.20 -18.76
CA GLY A 85 -16.62 10.12 -17.78
C GLY A 85 -15.41 10.33 -16.90
N ALA A 86 -15.25 9.46 -15.90
CA ALA A 86 -14.13 9.55 -14.98
C ALA A 86 -13.13 8.41 -15.20
N ASP A 87 -11.87 8.68 -14.85
CA ASP A 87 -10.84 7.66 -14.87
C ASP A 87 -10.49 7.25 -13.45
N ILE A 88 -10.73 8.16 -12.51
CA ILE A 88 -10.40 7.96 -11.11
C ILE A 88 -11.55 8.49 -10.25
N LEU A 89 -11.96 7.67 -9.28
CA LEU A 89 -12.96 8.05 -8.29
C LEU A 89 -12.41 7.81 -6.89
N VAL A 90 -12.41 8.85 -6.07
CA VAL A 90 -12.01 8.73 -4.68
C VAL A 90 -13.19 9.10 -3.80
N ASN A 91 -13.70 8.11 -3.08
CA ASN A 91 -14.78 8.31 -2.13
C ASN A 91 -14.19 8.68 -0.78
N ASN A 92 -14.24 9.96 -0.47
CA ASN A 92 -13.64 10.47 0.75
C ASN A 92 -14.68 11.11 1.67
N ALA A 93 -15.81 11.52 1.11
CA ALA A 93 -16.87 12.17 1.88
C ALA A 93 -17.23 11.35 3.10
N GLY A 94 -17.25 12.01 4.25
CA GLY A 94 -17.51 11.31 5.51
C GLY A 94 -17.25 12.18 6.72
N THR A 95 -17.58 11.63 7.89
CA THR A 95 -17.39 12.34 9.16
C THR A 95 -17.37 11.36 10.33
N GLY A 96 -16.57 11.67 11.35
CA GLY A 96 -16.56 10.88 12.57
C GLY A 96 -17.88 11.01 13.30
N SER A 97 -18.19 10.05 14.17
CA SER A 97 -19.41 10.13 14.96
C SER A 97 -19.10 10.26 16.45
N ASN A 98 -20.14 10.17 17.28
CA ASN A 98 -20.02 10.33 18.73
C ASN A 98 -21.34 10.00 19.43
N GLU A 99 -21.41 8.80 20.01
CA GLU A 99 -22.63 8.34 20.64
C GLU A 99 -22.46 7.00 21.31
N THR A 100 -23.49 6.61 22.06
CA THR A 100 -23.60 5.26 22.54
C THR A 100 -24.70 4.60 21.71
N ILE A 101 -24.55 3.29 21.46
CA ILE A 101 -25.60 2.51 20.81
C ILE A 101 -26.94 2.66 21.53
N MET A 102 -26.88 2.64 22.86
CA MET A 102 -28.07 2.71 23.68
C MET A 102 -28.87 4.00 23.49
N GLU A 103 -28.17 5.12 23.27
CA GLU A 103 -28.82 6.43 23.12
C GLU A 103 -29.14 6.83 21.68
N ALA A 104 -28.29 6.44 20.73
CA ALA A 104 -28.40 6.91 19.35
C ALA A 104 -29.76 6.64 18.68
N ALA A 105 -30.24 7.63 17.94
CA ALA A 105 -31.50 7.53 17.20
C ALA A 105 -31.29 6.79 15.88
N ASP A 106 -32.35 6.17 15.39
CA ASP A 106 -32.33 5.45 14.11
C ASP A 106 -31.94 6.34 12.92
N GLU A 107 -32.37 7.60 12.98
CA GLU A 107 -32.01 8.63 12.00
C GLU A 107 -30.51 8.76 11.84
N LYS A 108 -29.80 8.73 12.97
CA LYS A 108 -28.35 8.86 12.97
C LYS A 108 -27.71 7.63 12.29
N TRP A 109 -28.22 6.44 12.60
CA TRP A 109 -27.77 5.21 11.93
C TRP A 109 -27.95 5.29 10.41
N GLN A 110 -29.10 5.79 9.97
CA GLN A 110 -29.43 5.94 8.55
C GLN A 110 -28.54 6.94 7.83
N PHE A 111 -28.33 8.10 8.46
CA PHE A 111 -27.48 9.16 7.90
C PHE A 111 -26.07 8.66 7.54
N TYR A 112 -25.36 8.07 8.50
CA TYR A 112 -24.00 7.54 8.28
C TYR A 112 -23.95 6.37 7.27
N TRP A 113 -25.03 5.59 7.21
CA TRP A 113 -25.19 4.56 6.20
C TRP A 113 -25.31 5.16 4.79
N GLU A 114 -26.15 6.18 4.63
CA GLU A 114 -26.28 6.95 3.39
C GLU A 114 -24.95 7.59 3.01
N LEU A 115 -24.26 8.17 3.98
CA LEU A 115 -23.07 8.96 3.74
C LEU A 115 -21.83 8.10 3.46
N HIS A 116 -21.59 7.09 4.28
CA HIS A 116 -20.38 6.28 4.12
C HIS A 116 -20.53 5.16 3.09
N VAL A 117 -21.65 4.44 3.14
CA VAL A 117 -21.86 3.28 2.28
C VAL A 117 -22.62 3.62 0.99
N MET A 118 -23.83 4.17 1.11
CA MET A 118 -24.69 4.39 -0.05
C MET A 118 -24.11 5.38 -1.06
N ALA A 119 -23.37 6.37 -0.57
CA ALA A 119 -22.72 7.33 -1.44
C ALA A 119 -21.78 6.64 -2.40
N ALA A 120 -20.90 5.76 -1.88
CA ALA A 120 -19.98 5.00 -2.72
C ALA A 120 -20.70 4.02 -3.65
N VAL A 121 -21.76 3.37 -3.15
CA VAL A 121 -22.57 2.47 -3.98
C VAL A 121 -23.14 3.21 -5.19
N ARG A 122 -23.74 4.37 -4.93
CA ARG A 122 -24.40 5.16 -5.97
C ARG A 122 -23.41 5.77 -6.94
N LEU A 123 -22.28 6.22 -6.42
CA LEU A 123 -21.22 6.78 -7.27
C LEU A 123 -20.59 5.69 -8.13
N ALA A 124 -20.48 4.48 -7.59
CA ALA A 124 -19.97 3.34 -8.34
C ALA A 124 -20.86 3.03 -9.54
N ARG A 125 -22.11 2.64 -9.29
CA ARG A 125 -22.96 2.30 -10.44
C ARG A 125 -23.25 3.47 -11.38
N GLY A 126 -23.00 4.69 -10.90
CA GLY A 126 -23.18 5.89 -11.71
C GLY A 126 -21.98 6.19 -12.60
N LEU A 127 -20.78 6.00 -12.06
CA LEU A 127 -19.56 6.40 -12.76
C LEU A 127 -18.84 5.25 -13.45
N VAL A 128 -19.09 4.02 -12.99
CA VAL A 128 -18.49 2.83 -13.60
C VAL A 128 -18.70 2.71 -15.12
N PRO A 129 -19.97 2.82 -15.61
CA PRO A 129 -20.18 2.65 -17.06
C PRO A 129 -19.31 3.60 -17.90
N GLY A 130 -19.26 4.87 -17.51
CA GLY A 130 -18.39 5.84 -18.17
C GLY A 130 -16.92 5.48 -18.05
N MET A 131 -16.56 4.87 -16.93
CA MET A 131 -15.17 4.54 -16.62
C MET A 131 -14.69 3.36 -17.49
N ARG A 132 -15.55 2.36 -17.67
CA ARG A 132 -15.23 1.22 -18.53
C ARG A 132 -15.14 1.59 -20.01
N ALA A 133 -16.00 2.51 -20.45
CA ALA A 133 -16.00 3.00 -21.83
C ALA A 133 -14.77 3.85 -22.14
N ARG A 134 -14.11 4.35 -21.10
CA ARG A 134 -12.86 5.08 -21.28
C ARG A 134 -11.63 4.17 -21.24
N GLY A 135 -11.86 2.86 -21.13
CA GLY A 135 -10.78 1.86 -21.08
C GLY A 135 -10.51 1.27 -19.71
N GLY A 136 -11.22 1.76 -18.69
CA GLY A 136 -11.00 1.34 -17.31
C GLY A 136 -10.58 2.48 -16.40
N GLY A 137 -10.22 2.16 -15.17
CA GLY A 137 -9.76 3.17 -14.21
C GLY A 137 -9.48 2.66 -12.80
N ALA A 138 -9.58 3.56 -11.83
CA ALA A 138 -9.31 3.24 -10.44
C ALA A 138 -10.34 3.88 -9.51
N ILE A 139 -10.64 3.16 -8.42
CA ILE A 139 -11.56 3.63 -7.40
C ILE A 139 -10.95 3.34 -6.03
N ILE A 140 -10.95 4.36 -5.16
CA ILE A 140 -10.49 4.19 -3.80
C ILE A 140 -11.55 4.63 -2.81
N HIS A 141 -11.78 3.77 -1.82
CA HIS A 141 -12.61 4.11 -0.69
C HIS A 141 -11.73 4.48 0.48
N ASN A 142 -11.95 5.68 1.00
CA ASN A 142 -11.33 6.10 2.24
C ASN A 142 -12.25 5.65 3.36
N ALA A 143 -11.96 4.49 3.92
CA ALA A 143 -12.70 4.02 5.08
C ALA A 143 -12.03 4.61 6.31
N SER A 144 -11.48 3.76 7.18
CA SER A 144 -10.80 4.21 8.38
C SER A 144 -10.12 3.05 9.06
N ILE A 145 -9.15 3.34 9.93
CA ILE A 145 -8.61 2.31 10.81
C ILE A 145 -9.73 1.73 11.70
N CYS A 146 -10.77 2.54 11.92
CA CYS A 146 -11.93 2.18 12.73
C CYS A 146 -12.81 1.12 12.06
N ALA A 147 -12.63 0.91 10.76
CA ALA A 147 -13.34 -0.16 10.05
C ALA A 147 -12.86 -1.56 10.46
N VAL A 148 -11.74 -1.63 11.17
CA VAL A 148 -11.17 -2.89 11.66
C VAL A 148 -10.89 -2.79 13.16
N GLN A 149 -10.44 -1.62 13.59
CA GLN A 149 -10.13 -1.37 14.99
C GLN A 149 -11.05 -0.27 15.53
N PRO A 150 -12.22 -0.65 16.06
CA PRO A 150 -13.27 0.28 16.48
C PRO A 150 -12.85 1.17 17.64
N LEU A 151 -13.16 2.46 17.54
CA LEU A 151 -13.01 3.36 18.67
C LEU A 151 -14.29 3.37 19.48
N TRP A 152 -14.12 3.26 20.80
CA TRP A 152 -15.22 3.08 21.76
C TRP A 152 -16.38 4.09 21.67
N TYR A 153 -16.05 5.34 21.35
CA TYR A 153 -17.04 6.44 21.41
C TYR A 153 -17.87 6.67 20.15
N GLU A 154 -17.49 6.00 19.05
CA GLU A 154 -18.17 6.20 17.77
C GLU A 154 -18.58 4.89 17.10
N PRO A 155 -19.53 4.15 17.70
CA PRO A 155 -19.97 2.88 17.13
C PRO A 155 -20.58 2.96 15.72
N ILE A 156 -21.28 4.05 15.41
CA ILE A 156 -21.92 4.19 14.10
C ILE A 156 -20.88 4.37 13.01
N TYR A 157 -19.89 5.21 13.28
CA TYR A 157 -18.74 5.39 12.41
C TYR A 157 -18.04 4.06 12.15
N ASN A 158 -17.82 3.28 13.21
CA ASN A 158 -17.19 1.96 13.10
C ASN A 158 -17.97 0.99 12.20
N VAL A 159 -19.28 0.96 12.38
CA VAL A 159 -20.14 -0.02 11.68
C VAL A 159 -20.20 0.31 10.19
N THR A 160 -20.34 1.60 9.89
CA THR A 160 -20.57 2.05 8.53
C THR A 160 -19.28 2.08 7.73
N LYS A 161 -18.17 2.35 8.42
CA LYS A 161 -16.86 2.28 7.78
C LYS A 161 -16.44 0.82 7.54
N ALA A 162 -16.91 -0.06 8.41
CA ALA A 162 -16.70 -1.51 8.23
C ALA A 162 -17.49 -2.04 7.03
N ALA A 163 -18.71 -1.54 6.87
CA ALA A 163 -19.56 -1.87 5.73
C ALA A 163 -18.94 -1.38 4.43
N LEU A 164 -18.38 -0.17 4.47
CA LEU A 164 -17.71 0.41 3.33
C LEU A 164 -16.49 -0.40 2.89
N MET A 165 -15.68 -0.81 3.86
CA MET A 165 -14.49 -1.60 3.58
C MET A 165 -14.86 -2.91 2.85
N MET A 166 -15.92 -3.57 3.31
CA MET A 166 -16.42 -4.75 2.63
C MET A 166 -17.06 -4.41 1.29
N PHE A 167 -17.70 -3.25 1.19
CA PHE A 167 -18.27 -2.85 -0.10
C PHE A 167 -17.16 -2.70 -1.13
N SER A 168 -16.06 -2.11 -0.69
CA SER A 168 -14.91 -1.87 -1.53
C SER A 168 -14.41 -3.18 -2.15
N LYS A 169 -14.33 -4.23 -1.33
CA LYS A 169 -13.86 -5.53 -1.82
C LYS A 169 -14.88 -6.25 -2.71
N THR A 170 -16.17 -6.08 -2.43
CA THR A 170 -17.19 -6.68 -3.28
C THR A 170 -17.24 -5.99 -4.65
N LEU A 171 -17.04 -4.66 -4.66
CA LEU A 171 -17.01 -3.91 -5.92
C LEU A 171 -15.79 -4.31 -6.73
N ALA A 172 -14.65 -4.42 -6.06
CA ALA A 172 -13.40 -4.88 -6.67
C ALA A 172 -13.56 -6.18 -7.46
N THR A 173 -14.23 -7.14 -6.86
CA THR A 173 -14.45 -8.46 -7.47
C THR A 173 -15.33 -8.38 -8.72
N GLU A 174 -16.27 -7.43 -8.71
CA GLU A 174 -17.27 -7.31 -9.76
C GLU A 174 -16.80 -6.50 -10.98
N VAL A 175 -15.96 -5.48 -10.75
CA VAL A 175 -15.61 -4.53 -11.81
C VAL A 175 -14.21 -4.67 -12.39
N ILE A 176 -13.38 -5.54 -11.81
CA ILE A 176 -12.05 -5.83 -12.37
C ILE A 176 -12.14 -6.38 -13.81
N LYS A 177 -13.24 -7.05 -14.12
CA LYS A 177 -13.51 -7.48 -15.49
C LYS A 177 -13.54 -6.33 -16.51
N ASP A 178 -13.89 -5.13 -16.05
CA ASP A 178 -13.95 -3.92 -16.89
C ASP A 178 -12.66 -3.11 -16.81
N ASN A 179 -11.58 -3.76 -16.37
CA ASN A 179 -10.29 -3.11 -16.12
C ASN A 179 -10.40 -1.94 -15.13
N ILE A 180 -11.18 -2.14 -14.08
CA ILE A 180 -11.31 -1.14 -13.02
C ILE A 180 -10.79 -1.69 -11.70
N ARG A 181 -9.75 -1.06 -11.17
CA ARG A 181 -9.16 -1.50 -9.91
C ARG A 181 -9.79 -0.78 -8.74
N VAL A 182 -10.29 -1.54 -7.77
CA VAL A 182 -10.89 -0.94 -6.59
C VAL A 182 -10.09 -1.32 -5.36
N ASN A 183 -9.68 -0.30 -4.62
CA ASN A 183 -8.92 -0.51 -3.40
C ASN A 183 -9.42 0.37 -2.29
N CYS A 184 -8.98 0.07 -1.07
CA CYS A 184 -9.44 0.73 0.12
C CYS A 184 -8.23 1.24 0.89
N ILE A 185 -8.34 2.48 1.38
CA ILE A 185 -7.33 3.04 2.27
C ILE A 185 -7.92 3.27 3.66
N ASN A 186 -7.16 2.88 4.66
CA ASN A 186 -7.59 3.02 6.04
C ASN A 186 -6.59 3.88 6.81
N PRO A 187 -6.87 5.18 6.88
CA PRO A 187 -6.02 6.13 7.57
C PRO A 187 -6.12 5.99 9.09
N GLY A 188 -5.02 6.30 9.76
CA GLY A 188 -5.00 6.39 11.20
C GLY A 188 -5.28 7.82 11.62
N LEU A 189 -4.43 8.34 12.51
CA LEU A 189 -4.52 9.70 12.98
C LEU A 189 -4.03 10.65 11.90
N ILE A 190 -4.94 11.46 11.37
CA ILE A 190 -4.61 12.41 10.33
C ILE A 190 -4.97 13.79 10.87
N LEU A 191 -4.05 14.75 10.76
CA LEU A 191 -4.26 16.08 11.30
C LEU A 191 -5.21 16.90 10.42
N THR A 192 -6.48 16.88 10.81
CA THR A 192 -7.55 17.56 10.07
C THR A 192 -8.18 18.68 10.92
N PRO A 193 -8.85 19.65 10.28
CA PRO A 193 -9.57 20.71 10.99
C PRO A 193 -10.50 20.20 12.11
N ASP A 194 -11.12 19.05 11.88
CA ASP A 194 -12.01 18.44 12.88
C ASP A 194 -11.25 18.01 14.14
N TRP A 195 -10.06 17.44 13.98
CA TRP A 195 -9.17 17.12 15.12
C TRP A 195 -8.73 18.38 15.88
N ILE A 196 -8.35 19.41 15.13
CA ILE A 196 -7.99 20.70 15.70
C ILE A 196 -9.15 21.30 16.48
N LYS A 197 -10.34 21.32 15.87
CA LYS A 197 -11.53 21.87 16.53
C LYS A 197 -11.99 21.00 17.72
N THR A 198 -11.77 19.69 17.61
CA THR A 198 -12.06 18.77 18.71
C THR A 198 -11.13 19.06 19.89
N ALA A 199 -9.84 19.22 19.60
CA ALA A 199 -8.82 19.48 20.63
C ALA A 199 -9.03 20.80 21.33
N LYS A 200 -9.50 21.80 20.60
CA LYS A 200 -9.85 23.10 21.19
C LYS A 200 -11.07 23.03 22.11
N GLU A 201 -12.11 22.31 21.66
CA GLU A 201 -13.30 22.09 22.49
C GLU A 201 -12.97 21.37 23.79
N LEU A 202 -12.23 20.27 23.66
CA LEU A 202 -11.91 19.42 24.80
C LEU A 202 -10.99 20.07 25.84
N THR A 203 -10.24 21.09 25.44
CA THR A 203 -9.30 21.76 26.35
C THR A 203 -9.72 23.16 26.80
N LYS A 204 -10.93 23.59 26.45
CA LYS A 204 -11.37 24.97 26.72
C LYS A 204 -11.42 25.32 28.21
N ASP A 205 -11.64 24.31 29.06
CA ASP A 205 -11.75 24.52 30.51
C ASP A 205 -10.52 24.06 31.29
N ASN A 206 -9.52 23.52 30.61
CA ASN A 206 -8.29 23.12 31.31
C ASN A 206 -6.98 23.67 30.75
N GLY A 207 -7.02 24.90 30.23
CA GLY A 207 -5.79 25.57 29.81
C GLY A 207 -5.70 25.92 28.33
N GLY A 208 -6.57 25.33 27.51
CA GLY A 208 -6.63 25.61 26.07
C GLY A 208 -5.43 25.14 25.26
N ASP A 209 -4.74 24.11 25.75
CA ASP A 209 -3.56 23.58 25.08
C ASP A 209 -3.94 22.44 24.14
N TRP A 210 -4.47 22.81 22.97
CA TRP A 210 -4.99 21.84 22.01
C TRP A 210 -3.90 21.00 21.37
N LYS A 211 -2.72 21.58 21.20
CA LYS A 211 -1.56 20.87 20.63
C LYS A 211 -1.10 19.75 21.56
N GLY A 212 -1.04 20.06 22.86
CA GLY A 212 -0.70 19.10 23.90
C GLY A 212 -1.70 17.97 23.96
N TYR A 213 -2.97 18.30 23.78
CA TYR A 213 -4.01 17.28 23.68
C TYR A 213 -3.76 16.30 22.52
N LEU A 214 -3.52 16.85 21.34
CA LEU A 214 -3.29 16.04 20.14
C LEU A 214 -2.04 15.16 20.30
N GLN A 215 -0.98 15.74 20.86
CA GLN A 215 0.23 14.99 21.14
C GLN A 215 -0.03 13.76 22.01
N SER A 216 -0.84 13.92 23.07
CA SER A 216 -1.17 12.81 23.96
C SER A 216 -2.10 11.75 23.32
N VAL A 217 -2.92 12.16 22.35
CA VAL A 217 -3.72 11.17 21.59
C VAL A 217 -2.79 10.31 20.72
N ALA A 218 -1.78 10.95 20.13
CA ALA A 218 -0.76 10.25 19.35
C ALA A 218 0.09 9.31 20.20
N ASP A 219 0.59 9.80 21.33
CA ASP A 219 1.39 9.02 22.27
C ASP A 219 0.68 7.75 22.74
N GLU A 220 -0.63 7.85 22.95
CA GLU A 220 -1.42 6.73 23.44
C GLU A 220 -1.70 5.70 22.33
N HIS A 221 -1.97 6.20 21.12
CA HIS A 221 -2.50 5.36 20.04
C HIS A 221 -1.51 4.95 18.95
N ALA A 222 -0.50 5.77 18.70
CA ALA A 222 0.38 5.58 17.55
C ALA A 222 1.86 5.53 17.94
N PRO A 223 2.55 4.43 17.61
CA PRO A 223 3.98 4.24 17.95
C PRO A 223 4.89 5.29 17.30
N ILE A 224 4.43 5.90 16.21
CA ILE A 224 5.16 6.98 15.56
C ILE A 224 5.07 8.29 16.36
N LYS A 225 4.14 8.33 17.31
CA LYS A 225 4.00 9.42 18.30
C LYS A 225 3.56 10.76 17.68
N ARG A 226 3.01 10.71 16.48
CA ARG A 226 2.49 11.92 15.84
C ARG A 226 1.33 11.62 14.90
N PHE A 227 0.55 12.67 14.63
CA PHE A 227 -0.46 12.67 13.57
C PHE A 227 0.21 12.79 12.22
N ALA A 228 -0.46 12.27 11.19
CA ALA A 228 -0.03 12.44 9.82
C ALA A 228 -0.51 13.75 9.27
N SER A 229 0.27 14.37 8.37
CA SER A 229 -0.22 15.49 7.59
C SER A 229 -1.13 14.91 6.52
N PRO A 230 -2.20 15.63 6.16
CA PRO A 230 -3.04 15.18 5.04
C PRO A 230 -2.21 14.91 3.78
N GLU A 231 -1.17 15.72 3.57
CA GLU A 231 -0.27 15.59 2.43
C GLU A 231 0.32 14.18 2.29
N GLU A 232 0.83 13.63 3.39
CA GLU A 232 1.50 12.32 3.35
C GLU A 232 0.53 11.16 3.16
N LEU A 233 -0.74 11.40 3.46
CA LEU A 233 -1.78 10.44 3.18
C LEU A 233 -2.15 10.48 1.70
N ALA A 234 -2.25 11.69 1.14
CA ALA A 234 -2.60 11.89 -0.27
C ALA A 234 -1.70 11.07 -1.20
N ASN A 235 -0.40 11.10 -0.91
CA ASN A 235 0.61 10.32 -1.65
C ASN A 235 0.13 8.91 -1.95
N PHE A 236 -0.47 8.27 -0.95
CA PHE A 236 -0.92 6.90 -1.07
C PHE A 236 -2.13 6.76 -2.00
N PHE A 237 -3.08 7.68 -1.89
CA PHE A 237 -4.21 7.72 -2.82
C PHE A 237 -3.74 7.83 -4.26
N VAL A 238 -2.82 8.77 -4.51
CA VAL A 238 -2.27 9.01 -5.84
C VAL A 238 -1.61 7.76 -6.41
N PHE A 239 -0.68 7.18 -5.66
CA PHE A 239 0.05 5.99 -6.10
C PHE A 239 -0.89 4.83 -6.45
N LEU A 240 -1.92 4.64 -5.62
CA LEU A 240 -2.85 3.53 -5.77
C LEU A 240 -3.82 3.70 -6.93
N CYS A 241 -3.95 4.93 -7.43
CA CYS A 241 -4.80 5.20 -8.59
C CYS A 241 -3.99 5.34 -9.86
N SER A 242 -2.68 5.14 -9.74
CA SER A 242 -1.75 5.39 -10.83
C SER A 242 -1.52 4.15 -11.67
N GLU A 243 -0.69 4.29 -12.71
CA GLU A 243 -0.32 3.17 -13.57
C GLU A 243 0.81 2.32 -12.97
N ARG A 244 1.25 2.70 -11.78
CA ARG A 244 2.29 1.95 -11.08
C ARG A 244 1.70 0.92 -10.10
N ALA A 245 0.39 0.99 -9.86
CA ALA A 245 -0.28 0.08 -8.91
C ALA A 245 -1.31 -0.85 -9.58
N THR A 246 -0.97 -1.33 -10.77
CA THR A 246 -1.88 -2.09 -11.64
C THR A 246 -2.26 -3.49 -11.15
N TYR A 247 -1.61 -3.98 -10.09
CA TYR A 247 -1.93 -5.30 -9.56
C TYR A 247 -2.67 -5.23 -8.21
N SER A 248 -2.97 -4.02 -7.74
CA SER A 248 -3.74 -3.83 -6.53
C SER A 248 -5.24 -3.88 -6.83
N VAL A 249 -5.87 -4.96 -6.37
CA VAL A 249 -7.30 -5.19 -6.61
C VAL A 249 -7.95 -5.73 -5.33
N GLY A 250 -8.89 -4.97 -4.78
CA GLY A 250 -9.63 -5.39 -3.59
C GLY A 250 -8.82 -5.48 -2.32
N SER A 251 -7.78 -4.66 -2.22
CA SER A 251 -6.97 -4.65 -1.02
C SER A 251 -7.32 -3.47 -0.10
N ALA A 252 -6.98 -3.65 1.17
CA ALA A 252 -7.15 -2.61 2.18
C ALA A 252 -5.75 -2.24 2.65
N TYR A 253 -5.40 -0.97 2.47
CA TYR A 253 -4.08 -0.45 2.80
C TYR A 253 -4.13 0.51 3.99
N PHE A 254 -3.35 0.20 5.01
CA PHE A 254 -3.33 0.98 6.23
C PHE A 254 -2.25 2.05 6.20
N VAL A 255 -2.66 3.28 6.50
CA VAL A 255 -1.70 4.37 6.65
C VAL A 255 -1.98 4.94 8.04
N ASP A 256 -1.34 4.35 9.04
CA ASP A 256 -1.74 4.57 10.44
C ASP A 256 -0.59 4.76 11.42
N GLY A 257 0.63 4.88 10.90
CA GLY A 257 1.82 5.11 11.71
C GLY A 257 1.93 4.15 12.88
N GLY A 258 1.52 2.90 12.63
CA GLY A 258 1.66 1.82 13.60
C GLY A 258 0.45 1.62 14.51
N MET A 259 -0.59 2.40 14.30
CA MET A 259 -1.76 2.40 15.18
C MET A 259 -2.48 1.06 15.24
N LEU A 260 -2.63 0.39 14.09
CA LEU A 260 -3.26 -0.93 14.05
C LEU A 260 -2.49 -1.89 14.94
N LYS A 261 -3.17 -2.44 15.93
CA LYS A 261 -2.50 -3.23 16.98
C LYS A 261 -2.32 -4.68 16.59
N THR A 262 -3.11 -5.15 15.62
CA THR A 262 -3.01 -6.50 15.09
C THR A 262 -2.40 -6.48 13.69
N LEU A 263 -1.78 -7.59 13.29
CA LEU A 263 -1.17 -7.68 11.96
C LEU A 263 -2.21 -7.78 10.85
N MET B 1 5.89 11.73 -9.47
CA MET B 1 6.10 11.85 -8.00
C MET B 1 7.58 11.56 -7.69
N ASP B 2 8.23 12.51 -7.02
CA ASP B 2 9.64 12.34 -6.63
C ASP B 2 9.71 11.46 -5.39
N MET B 3 10.39 10.33 -5.53
CA MET B 3 10.51 9.35 -4.46
C MET B 3 11.50 9.73 -3.37
N GLY B 4 12.38 10.67 -3.69
CA GLY B 4 13.40 11.17 -2.76
C GLY B 4 14.41 10.11 -2.35
N ILE B 5 14.70 9.20 -3.28
CA ILE B 5 15.46 8.00 -3.01
C ILE B 5 16.89 8.12 -3.55
N SER B 6 17.11 9.10 -4.42
CA SER B 6 18.42 9.30 -5.04
C SER B 6 19.57 9.32 -4.04
N GLY B 7 20.60 8.52 -4.31
CA GLY B 7 21.81 8.49 -3.47
C GLY B 7 21.71 7.60 -2.24
N LYS B 8 20.50 7.12 -1.95
CA LYS B 8 20.26 6.22 -0.83
C LYS B 8 20.85 4.83 -1.08
N VAL B 9 21.18 4.12 -0.01
CA VAL B 9 21.77 2.78 -0.11
C VAL B 9 20.73 1.71 0.21
N ALA B 10 20.42 0.89 -0.81
CA ALA B 10 19.41 -0.15 -0.71
C ALA B 10 20.04 -1.54 -0.77
N VAL B 11 19.88 -2.30 0.31
CA VAL B 11 20.34 -3.69 0.35
C VAL B 11 19.16 -4.67 0.17
N ILE B 12 19.26 -5.51 -0.86
CA ILE B 12 18.19 -6.39 -1.28
C ILE B 12 18.69 -7.82 -1.32
N THR B 13 18.04 -8.70 -0.55
CA THR B 13 18.38 -10.12 -0.55
C THR B 13 17.58 -10.85 -1.64
N GLY B 14 18.09 -12.01 -2.08
CA GLY B 14 17.48 -12.79 -3.15
C GLY B 14 17.40 -12.05 -4.46
N SER B 15 18.44 -11.29 -4.78
CA SER B 15 18.36 -10.33 -5.88
C SER B 15 19.16 -10.65 -7.15
N SER B 16 19.61 -11.91 -7.31
CA SER B 16 20.36 -12.28 -8.52
C SER B 16 19.46 -12.39 -9.75
N SER B 17 18.18 -12.69 -9.50
CA SER B 17 17.19 -12.86 -10.57
C SER B 17 15.76 -12.62 -10.04
N GLY B 18 14.79 -12.62 -10.95
CA GLY B 18 13.37 -12.63 -10.58
C GLY B 18 12.91 -11.42 -9.80
N ILE B 19 12.09 -11.66 -8.78
CA ILE B 19 11.50 -10.57 -7.98
C ILE B 19 12.57 -9.68 -7.35
N GLY B 20 13.60 -10.30 -6.78
CA GLY B 20 14.69 -9.56 -6.12
C GLY B 20 15.38 -8.59 -7.05
N LEU B 21 15.71 -9.05 -8.25
CA LEU B 21 16.33 -8.20 -9.29
C LEU B 21 15.44 -7.04 -9.74
N ALA B 22 14.18 -7.33 -10.05
CA ALA B 22 13.23 -6.28 -10.44
C ALA B 22 13.06 -5.18 -9.38
N ILE B 23 13.05 -5.59 -8.10
CA ILE B 23 13.03 -4.63 -6.99
C ILE B 23 14.28 -3.76 -7.02
N ALA B 24 15.44 -4.40 -7.19
CA ALA B 24 16.71 -3.71 -7.32
C ALA B 24 16.72 -2.77 -8.53
N GLU B 25 16.17 -3.22 -9.65
CA GLU B 25 16.00 -2.36 -10.82
C GLU B 25 15.11 -1.14 -10.52
N GLY B 26 14.03 -1.36 -9.78
CA GLY B 26 13.16 -0.28 -9.32
C GLY B 26 13.89 0.80 -8.53
N PHE B 27 14.76 0.38 -7.61
CA PHE B 27 15.55 1.33 -6.82
C PHE B 27 16.60 2.05 -7.66
N ALA B 28 17.21 1.31 -8.59
CA ALA B 28 18.24 1.89 -9.48
C ALA B 28 17.69 3.00 -10.35
N LYS B 29 16.47 2.82 -10.87
CA LYS B 29 15.77 3.84 -11.65
C LYS B 29 15.66 5.14 -10.85
N GLU B 30 15.38 5.01 -9.56
CA GLU B 30 15.22 6.17 -8.67
C GLU B 30 16.54 6.70 -8.11
N GLY B 31 17.66 6.22 -8.66
CA GLY B 31 18.98 6.72 -8.28
C GLY B 31 19.60 6.15 -7.01
N ALA B 32 18.97 5.12 -6.44
CA ALA B 32 19.52 4.45 -5.27
C ALA B 32 20.77 3.63 -5.58
N HIS B 33 21.75 3.69 -4.69
CA HIS B 33 22.89 2.77 -4.71
C HIS B 33 22.42 1.43 -4.18
N ILE B 34 22.97 0.35 -4.73
CA ILE B 34 22.40 -0.97 -4.52
C ILE B 34 23.39 -2.01 -4.04
N VAL B 35 23.06 -2.65 -2.92
CA VAL B 35 23.79 -3.80 -2.44
C VAL B 35 23.00 -5.07 -2.78
N LEU B 36 23.50 -5.83 -3.74
CA LEU B 36 22.88 -7.09 -4.14
C LEU B 36 23.43 -8.25 -3.32
N VAL B 37 22.51 -9.02 -2.73
CA VAL B 37 22.85 -10.17 -1.92
C VAL B 37 22.14 -11.40 -2.46
N ALA B 38 22.91 -12.46 -2.70
CA ALA B 38 22.39 -13.70 -3.28
C ALA B 38 23.42 -14.82 -3.12
N ARG B 39 23.00 -16.06 -3.37
CA ARG B 39 23.90 -17.21 -3.28
C ARG B 39 24.69 -17.41 -4.58
N GLN B 40 24.03 -17.18 -5.71
CA GLN B 40 24.62 -17.50 -7.01
C GLN B 40 25.57 -16.43 -7.52
N VAL B 41 26.86 -16.74 -7.44
CA VAL B 41 27.94 -15.80 -7.69
C VAL B 41 27.88 -15.26 -9.12
N ASP B 42 27.76 -16.15 -10.10
CA ASP B 42 27.74 -15.74 -11.50
C ASP B 42 26.54 -14.87 -11.85
N ARG B 43 25.36 -15.27 -11.38
CA ARG B 43 24.14 -14.49 -11.62
C ARG B 43 24.21 -13.13 -10.94
N LEU B 44 24.94 -13.07 -9.84
CA LEU B 44 25.17 -11.82 -9.15
C LEU B 44 25.95 -10.85 -10.04
N HIS B 45 26.98 -11.36 -10.72
CA HIS B 45 27.77 -10.59 -11.68
C HIS B 45 26.92 -10.07 -12.82
N GLU B 46 26.15 -10.96 -13.45
CA GLU B 46 25.16 -10.62 -14.48
C GLU B 46 24.31 -9.43 -14.04
N ALA B 47 23.72 -9.55 -12.86
CA ALA B 47 22.76 -8.57 -12.35
C ALA B 47 23.42 -7.22 -12.10
N ALA B 48 24.55 -7.23 -11.40
CA ALA B 48 25.29 -6.01 -11.07
C ALA B 48 25.67 -5.21 -12.30
N ARG B 49 26.21 -5.89 -13.31
CA ARG B 49 26.62 -5.23 -14.54
C ARG B 49 25.42 -4.65 -15.27
N SER B 50 24.34 -5.42 -15.31
CA SER B 50 23.11 -4.97 -15.94
C SER B 50 22.57 -3.69 -15.28
N LEU B 51 22.66 -3.61 -13.96
CA LEU B 51 22.24 -2.41 -13.22
C LEU B 51 23.14 -1.21 -13.54
N LYS B 52 24.45 -1.43 -13.50
CA LYS B 52 25.44 -0.42 -13.86
C LYS B 52 25.19 0.12 -15.27
N GLU B 53 25.02 -0.78 -16.24
CA GLU B 53 24.94 -0.43 -17.65
C GLU B 53 23.62 0.25 -18.07
N LYS B 54 22.56 -0.01 -17.33
CA LYS B 54 21.24 0.52 -17.65
C LYS B 54 20.91 1.78 -16.85
N PHE B 55 21.48 1.89 -15.65
CA PHE B 55 21.05 2.89 -14.68
C PHE B 55 22.16 3.76 -14.10
N GLY B 56 23.40 3.29 -14.19
CA GLY B 56 24.56 4.07 -13.78
C GLY B 56 24.71 4.25 -12.28
N VAL B 57 24.09 3.37 -11.52
CA VAL B 57 24.19 3.44 -10.06
C VAL B 57 25.42 2.68 -9.58
N ARG B 58 25.82 2.93 -8.34
CA ARG B 58 26.83 2.09 -7.71
C ARG B 58 26.17 0.78 -7.30
N VAL B 59 26.88 -0.32 -7.51
CA VAL B 59 26.40 -1.64 -7.14
C VAL B 59 27.49 -2.41 -6.43
N LEU B 60 27.18 -2.88 -5.22
CA LEU B 60 28.06 -3.75 -4.46
C LEU B 60 27.50 -5.17 -4.44
N GLU B 61 28.35 -6.15 -4.71
CA GLU B 61 27.94 -7.55 -4.74
C GLU B 61 28.38 -8.28 -3.49
N VAL B 62 27.42 -8.94 -2.84
CA VAL B 62 27.69 -9.76 -1.66
C VAL B 62 27.16 -11.16 -1.93
N ALA B 63 28.05 -12.09 -2.26
CA ALA B 63 27.68 -13.46 -2.61
C ALA B 63 27.78 -14.37 -1.40
N VAL B 64 26.70 -14.42 -0.64
CA VAL B 64 26.65 -15.20 0.62
C VAL B 64 25.30 -15.88 0.79
N ASP B 65 25.21 -16.72 1.83
CA ASP B 65 23.95 -17.36 2.22
C ASP B 65 23.40 -16.66 3.48
N VAL B 66 22.28 -15.96 3.32
CA VAL B 66 21.70 -15.20 4.44
C VAL B 66 20.99 -16.07 5.49
N ALA B 67 20.84 -17.36 5.18
CA ALA B 67 20.26 -18.31 6.12
C ALA B 67 21.24 -18.72 7.23
N THR B 68 22.44 -18.16 7.19
CA THR B 68 23.45 -18.43 8.22
C THR B 68 24.00 -17.14 8.81
N PRO B 69 24.39 -17.16 10.11
CA PRO B 69 24.92 -15.97 10.78
C PRO B 69 26.14 -15.38 10.08
N GLU B 70 27.04 -16.25 9.61
CA GLU B 70 28.27 -15.84 8.92
C GLU B 70 27.96 -15.04 7.67
N GLY B 71 26.99 -15.51 6.89
CA GLY B 71 26.55 -14.84 5.67
C GLY B 71 26.00 -13.45 5.93
N VAL B 72 25.14 -13.34 6.94
CA VAL B 72 24.57 -12.04 7.31
C VAL B 72 25.68 -11.09 7.75
N ASP B 73 26.57 -11.59 8.62
CA ASP B 73 27.74 -10.83 9.08
C ASP B 73 28.54 -10.23 7.92
N ALA B 74 28.75 -11.03 6.88
CA ALA B 74 29.48 -10.57 5.69
C ALA B 74 28.76 -9.40 5.01
N VAL B 75 27.45 -9.54 4.84
CA VAL B 75 26.62 -8.46 4.30
C VAL B 75 26.86 -7.14 5.04
N VAL B 76 26.61 -7.14 6.36
CA VAL B 76 26.76 -5.92 7.16
C VAL B 76 28.16 -5.29 7.09
N GLU B 77 29.20 -6.12 6.98
CA GLU B 77 30.57 -5.63 6.86
C GLU B 77 30.84 -5.02 5.48
N SER B 78 30.34 -5.65 4.43
CA SER B 78 30.45 -5.09 3.08
C SER B 78 29.75 -3.75 3.01
N VAL B 79 28.57 -3.66 3.64
CA VAL B 79 27.81 -2.41 3.66
C VAL B 79 28.55 -1.34 4.46
N ARG B 80 28.99 -1.69 5.67
CA ARG B 80 29.71 -0.76 6.55
C ARG B 80 30.94 -0.15 5.86
N SER B 81 31.78 -1.00 5.26
CA SER B 81 33.04 -0.56 4.65
C SER B 81 32.86 0.22 3.35
N SER B 82 31.84 -0.15 2.57
CA SER B 82 31.58 0.51 1.28
C SER B 82 30.82 1.81 1.42
N PHE B 83 29.73 1.79 2.18
CA PHE B 83 28.80 2.93 2.23
C PHE B 83 28.66 3.57 3.61
N GLY B 84 29.07 2.86 4.66
CA GLY B 84 28.92 3.33 6.03
C GLY B 84 27.75 2.62 6.70
N GLY B 85 26.67 2.50 5.95
CA GLY B 85 25.48 1.80 6.40
C GLY B 85 24.47 1.77 5.28
N ALA B 86 23.28 1.25 5.58
CA ALA B 86 22.20 1.19 4.63
C ALA B 86 21.05 2.10 5.04
N ASP B 87 20.29 2.53 4.04
CA ASP B 87 19.10 3.35 4.26
C ASP B 87 17.85 2.51 4.03
N ILE B 88 17.99 1.45 3.22
CA ILE B 88 16.88 0.60 2.84
C ILE B 88 17.29 -0.87 2.92
N LEU B 89 16.48 -1.66 3.62
CA LEU B 89 16.63 -3.10 3.63
C LEU B 89 15.38 -3.78 3.07
N VAL B 90 15.59 -4.63 2.08
CA VAL B 90 14.50 -5.43 1.53
C VAL B 90 14.85 -6.91 1.67
N ASN B 91 14.09 -7.58 2.53
CA ASN B 91 14.22 -9.00 2.77
C ASN B 91 13.38 -9.76 1.77
N ASN B 92 14.01 -10.18 0.68
CA ASN B 92 13.32 -10.89 -0.40
C ASN B 92 13.72 -12.37 -0.55
N ALA B 93 14.85 -12.76 0.04
CA ALA B 93 15.34 -14.13 -0.07
C ALA B 93 14.38 -15.17 0.51
N GLY B 94 14.17 -16.23 -0.27
CA GLY B 94 13.24 -17.27 0.12
C GLY B 94 12.84 -18.11 -1.07
N THR B 95 12.09 -19.17 -0.78
CA THR B 95 11.65 -20.10 -1.80
C THR B 95 10.39 -20.77 -1.30
N GLY B 96 9.54 -21.21 -2.22
CA GLY B 96 8.37 -22.02 -1.86
C GLY B 96 8.79 -23.36 -1.30
N SER B 97 7.83 -24.08 -0.71
CA SER B 97 8.08 -25.44 -0.23
C SER B 97 7.11 -26.42 -0.90
N ASN B 98 7.18 -27.70 -0.52
CA ASN B 98 6.39 -28.75 -1.18
C ASN B 98 6.39 -30.04 -0.36
N GLU B 99 5.37 -30.21 0.46
CA GLU B 99 5.35 -31.32 1.41
C GLU B 99 4.04 -31.45 2.18
N THR B 100 3.94 -32.53 2.94
CA THR B 100 2.91 -32.70 3.94
C THR B 100 3.59 -32.64 5.28
N ILE B 101 2.85 -32.23 6.30
CA ILE B 101 3.38 -32.15 7.66
C ILE B 101 3.78 -33.56 8.13
N MET B 102 2.99 -34.54 7.73
CA MET B 102 3.20 -35.94 8.14
C MET B 102 4.51 -36.57 7.66
N GLU B 103 5.02 -36.10 6.52
CA GLU B 103 6.19 -36.73 5.88
C GLU B 103 7.45 -35.86 5.77
N ALA B 104 7.36 -34.57 6.12
CA ALA B 104 8.52 -33.69 6.03
C ALA B 104 9.50 -33.86 7.22
N ALA B 105 10.78 -33.72 6.93
CA ALA B 105 11.82 -33.89 7.95
C ALA B 105 11.98 -32.63 8.80
N ASP B 106 12.44 -32.79 10.04
CA ASP B 106 12.65 -31.66 10.96
C ASP B 106 13.65 -30.66 10.39
N GLU B 107 14.65 -31.18 9.69
CA GLU B 107 15.71 -30.40 9.04
C GLU B 107 15.15 -29.36 8.06
N LYS B 108 14.06 -29.72 7.37
CA LYS B 108 13.43 -28.83 6.39
C LYS B 108 12.68 -27.68 7.07
N TRP B 109 11.94 -27.98 8.13
CA TRP B 109 11.27 -26.97 8.94
C TRP B 109 12.31 -25.96 9.42
N GLN B 110 13.42 -26.49 9.91
CA GLN B 110 14.55 -25.70 10.39
C GLN B 110 15.10 -24.78 9.30
N PHE B 111 15.30 -25.35 8.10
CA PHE B 111 15.87 -24.63 6.97
C PHE B 111 15.07 -23.39 6.60
N TYR B 112 13.76 -23.54 6.43
CA TYR B 112 12.89 -22.40 6.06
C TYR B 112 12.81 -21.37 7.18
N TRP B 113 12.83 -21.84 8.42
CA TRP B 113 12.91 -20.97 9.59
C TRP B 113 14.15 -20.08 9.55
N GLU B 114 15.28 -20.67 9.19
CA GLU B 114 16.55 -19.94 9.08
C GLU B 114 16.53 -18.97 7.90
N LEU B 115 15.89 -19.39 6.82
CA LEU B 115 15.83 -18.61 5.58
C LEU B 115 14.84 -17.45 5.67
N HIS B 116 13.61 -17.75 6.12
CA HIS B 116 12.52 -16.77 6.05
C HIS B 116 12.43 -15.85 7.26
N VAL B 117 12.79 -16.36 8.43
CA VAL B 117 12.63 -15.61 9.67
C VAL B 117 13.97 -15.14 10.24
N MET B 118 14.90 -16.07 10.45
CA MET B 118 16.17 -15.75 11.14
C MET B 118 17.05 -14.82 10.35
N ALA B 119 16.98 -14.91 9.01
CA ALA B 119 17.69 -13.99 8.13
C ALA B 119 17.21 -12.55 8.30
N ALA B 120 15.90 -12.34 8.25
CA ALA B 120 15.34 -11.01 8.51
C ALA B 120 15.70 -10.54 9.92
N VAL B 121 15.65 -11.46 10.88
CA VAL B 121 16.03 -11.18 12.27
C VAL B 121 17.50 -10.77 12.41
N ARG B 122 18.38 -11.51 11.74
CA ARG B 122 19.82 -11.25 11.83
C ARG B 122 20.23 -10.00 11.06
N LEU B 123 19.60 -9.79 9.90
CA LEU B 123 19.91 -8.61 9.10
C LEU B 123 19.42 -7.33 9.78
N ALA B 124 18.34 -7.44 10.54
CA ALA B 124 17.85 -6.31 11.33
C ALA B 124 18.82 -5.95 12.45
N ARG B 125 19.18 -6.94 13.27
CA ARG B 125 20.19 -6.74 14.32
C ARG B 125 21.47 -6.12 13.75
N GLY B 126 21.87 -6.61 12.59
CA GLY B 126 23.11 -6.18 11.95
C GLY B 126 23.07 -4.80 11.35
N LEU B 127 22.02 -4.50 10.59
CA LEU B 127 21.98 -3.26 9.79
C LEU B 127 21.28 -2.09 10.47
N VAL B 128 20.41 -2.37 11.45
CA VAL B 128 19.68 -1.31 12.13
C VAL B 128 20.58 -0.25 12.81
N PRO B 129 21.71 -0.66 13.46
CA PRO B 129 22.59 0.35 14.05
C PRO B 129 23.11 1.39 13.05
N GLY B 130 23.63 0.94 11.90
CA GLY B 130 24.09 1.83 10.85
C GLY B 130 22.99 2.70 10.30
N MET B 131 21.80 2.11 10.17
CA MET B 131 20.60 2.80 9.68
C MET B 131 20.17 3.87 10.68
N ARG B 132 20.16 3.50 11.96
CA ARG B 132 19.87 4.39 13.09
C ARG B 132 20.79 5.61 13.09
N ALA B 133 22.07 5.39 12.78
CA ALA B 133 23.09 6.45 12.77
C ALA B 133 23.02 7.34 11.53
N ARG B 134 22.45 6.84 10.44
CA ARG B 134 22.33 7.62 9.20
C ARG B 134 21.07 8.49 9.17
N GLY B 135 20.30 8.47 10.25
CA GLY B 135 19.12 9.33 10.39
C GLY B 135 17.78 8.62 10.20
N GLY B 136 17.84 7.31 9.97
CA GLY B 136 16.64 6.50 9.79
C GLY B 136 16.61 5.77 8.47
N GLY B 137 15.46 5.19 8.14
CA GLY B 137 15.30 4.48 6.87
C GLY B 137 14.11 3.54 6.80
N ALA B 138 14.15 2.62 5.86
CA ALA B 138 13.02 1.74 5.60
C ALA B 138 13.44 0.29 5.52
N ILE B 139 12.66 -0.58 6.16
CA ILE B 139 12.83 -2.01 6.02
C ILE B 139 11.52 -2.61 5.49
N ILE B 140 11.64 -3.53 4.54
CA ILE B 140 10.52 -4.27 3.98
C ILE B 140 10.76 -5.76 4.06
N HIS B 141 9.74 -6.48 4.51
CA HIS B 141 9.73 -7.92 4.45
C HIS B 141 8.78 -8.38 3.34
N ASN B 142 9.31 -9.15 2.41
CA ASN B 142 8.50 -9.79 1.41
C ASN B 142 8.06 -11.14 1.95
N ALA B 143 6.85 -11.18 2.49
CA ALA B 143 6.28 -12.42 2.97
C ALA B 143 5.61 -13.13 1.81
N SER B 144 4.28 -13.03 1.74
CA SER B 144 3.49 -13.75 0.74
C SER B 144 2.02 -13.67 1.10
N ILE B 145 1.15 -13.89 0.11
CA ILE B 145 -0.27 -14.08 0.39
C ILE B 145 -0.46 -15.29 1.31
N CYS B 146 0.48 -16.23 1.24
CA CYS B 146 0.47 -17.45 2.04
C CYS B 146 0.70 -17.25 3.55
N ALA B 147 1.23 -16.08 3.92
CA ALA B 147 1.41 -15.73 5.33
C ALA B 147 0.07 -15.57 6.03
N VAL B 148 -0.96 -15.27 5.24
CA VAL B 148 -2.34 -15.07 5.73
C VAL B 148 -3.30 -16.13 5.19
N GLN B 149 -3.09 -16.51 3.93
CA GLN B 149 -3.97 -17.42 3.21
C GLN B 149 -3.16 -18.65 2.74
N PRO B 150 -3.11 -19.70 3.56
CA PRO B 150 -2.18 -20.80 3.27
C PRO B 150 -2.52 -21.58 1.99
N LEU B 151 -1.49 -21.95 1.23
CA LEU B 151 -1.66 -22.85 0.10
C LEU B 151 -1.42 -24.28 0.57
N TRP B 152 -2.31 -25.18 0.18
CA TRP B 152 -2.43 -26.53 0.77
C TRP B 152 -1.15 -27.39 0.73
N TYR B 153 -0.33 -27.20 -0.30
CA TYR B 153 0.81 -28.09 -0.56
C TYR B 153 2.13 -27.66 0.11
N GLU B 154 2.17 -26.44 0.64
CA GLU B 154 3.38 -25.90 1.26
C GLU B 154 3.19 -25.39 2.69
N PRO B 155 2.90 -26.30 3.64
CA PRO B 155 2.69 -25.91 5.04
C PRO B 155 3.88 -25.17 5.67
N ILE B 156 5.10 -25.59 5.37
CA ILE B 156 6.30 -25.01 5.98
C ILE B 156 6.52 -23.57 5.50
N TYR B 157 6.22 -23.33 4.23
CA TYR B 157 6.28 -22.01 3.65
C TYR B 157 5.21 -21.12 4.32
N ASN B 158 4.00 -21.65 4.44
CA ASN B 158 2.91 -20.96 5.12
C ASN B 158 3.27 -20.54 6.52
N VAL B 159 3.81 -21.48 7.30
CA VAL B 159 4.11 -21.28 8.71
C VAL B 159 5.21 -20.25 8.89
N THR B 160 6.27 -20.39 8.11
CA THR B 160 7.44 -19.53 8.23
C THR B 160 7.22 -18.14 7.65
N LYS B 161 6.35 -18.05 6.64
CA LYS B 161 5.93 -16.76 6.09
C LYS B 161 5.01 -15.99 7.05
N ALA B 162 4.17 -16.73 7.78
CA ALA B 162 3.36 -16.12 8.84
C ALA B 162 4.23 -15.62 9.99
N ALA B 163 5.29 -16.36 10.30
CA ALA B 163 6.25 -15.95 11.34
C ALA B 163 6.99 -14.68 10.93
N LEU B 164 7.34 -14.59 9.64
CA LEU B 164 8.00 -13.43 9.07
C LEU B 164 7.08 -12.21 9.16
N MET B 165 5.83 -12.40 8.74
CA MET B 165 4.85 -11.32 8.77
C MET B 165 4.70 -10.74 10.19
N MET B 166 4.55 -11.60 11.19
CA MET B 166 4.55 -11.15 12.57
C MET B 166 5.86 -10.47 13.00
N PHE B 167 7.00 -11.01 12.57
CA PHE B 167 8.29 -10.40 12.92
C PHE B 167 8.37 -8.96 12.43
N SER B 168 7.93 -8.76 11.19
CA SER B 168 7.88 -7.43 10.57
C SER B 168 7.17 -6.44 11.50
N LYS B 169 5.99 -6.85 11.96
CA LYS B 169 5.14 -6.06 12.85
C LYS B 169 5.80 -5.71 14.18
N THR B 170 6.45 -6.69 14.82
CA THR B 170 7.12 -6.47 16.11
C THR B 170 8.37 -5.60 15.93
N LEU B 171 9.10 -5.81 14.83
CA LEU B 171 10.27 -4.99 14.53
C LEU B 171 9.85 -3.53 14.35
N ALA B 172 8.77 -3.33 13.59
CA ALA B 172 8.19 -2.01 13.34
C ALA B 172 8.00 -1.14 14.58
N THR B 173 7.56 -1.77 15.66
CA THR B 173 7.27 -1.07 16.91
C THR B 173 8.54 -0.84 17.72
N GLU B 174 9.53 -1.68 17.49
CA GLU B 174 10.81 -1.54 18.19
C GLU B 174 11.68 -0.40 17.63
N VAL B 175 11.72 -0.26 16.31
CA VAL B 175 12.68 0.64 15.67
C VAL B 175 12.11 1.97 15.18
N ILE B 176 10.79 2.16 15.25
CA ILE B 176 10.19 3.42 14.78
C ILE B 176 10.73 4.63 15.56
N LYS B 177 11.08 4.43 16.83
CA LYS B 177 11.73 5.50 17.59
C LYS B 177 13.00 6.01 16.89
N ASP B 178 13.65 5.12 16.11
CA ASP B 178 14.89 5.45 15.39
C ASP B 178 14.61 6.00 14.00
N ASN B 179 13.37 6.44 13.76
CA ASN B 179 12.94 6.88 12.44
C ASN B 179 13.11 5.79 11.37
N ILE B 180 12.98 4.53 11.77
CA ILE B 180 13.01 3.42 10.83
C ILE B 180 11.62 2.84 10.66
N ARG B 181 11.10 2.93 9.44
CA ARG B 181 9.79 2.37 9.12
C ARG B 181 9.93 0.94 8.65
N VAL B 182 9.25 0.03 9.35
CA VAL B 182 9.24 -1.39 8.96
C VAL B 182 7.85 -1.82 8.46
N ASN B 183 7.80 -2.25 7.19
CA ASN B 183 6.58 -2.77 6.62
C ASN B 183 6.77 -4.11 5.93
N CYS B 184 5.67 -4.64 5.42
CA CYS B 184 5.60 -5.99 4.90
C CYS B 184 4.73 -5.96 3.65
N ILE B 185 5.21 -6.63 2.61
CA ILE B 185 4.50 -6.75 1.33
C ILE B 185 4.18 -8.23 1.07
N ASN B 186 2.92 -8.48 0.73
CA ASN B 186 2.45 -9.84 0.48
C ASN B 186 2.01 -10.01 -0.97
N PRO B 187 2.94 -10.46 -1.84
CA PRO B 187 2.63 -10.63 -3.25
C PRO B 187 1.75 -11.85 -3.51
N GLY B 188 0.92 -11.77 -4.54
CA GLY B 188 0.15 -12.91 -5.00
C GLY B 188 0.94 -13.70 -6.02
N LEU B 189 0.31 -13.96 -7.16
CA LEU B 189 0.94 -14.65 -8.27
C LEU B 189 1.83 -13.70 -9.04
N ILE B 190 3.14 -13.90 -8.91
CA ILE B 190 4.12 -13.09 -9.62
C ILE B 190 4.87 -13.97 -10.61
N LEU B 191 4.83 -13.57 -11.89
CA LEU B 191 5.47 -14.34 -12.95
C LEU B 191 6.99 -14.38 -12.77
N THR B 192 7.47 -15.46 -12.16
CA THR B 192 8.90 -15.64 -11.92
C THR B 192 9.47 -16.79 -12.72
N PRO B 193 10.81 -16.83 -12.87
CA PRO B 193 11.55 -17.99 -13.37
C PRO B 193 11.05 -19.30 -12.76
N ASP B 194 10.95 -19.33 -11.43
CA ASP B 194 10.43 -20.49 -10.70
C ASP B 194 9.07 -20.97 -11.24
N TRP B 195 8.15 -20.04 -11.48
CA TRP B 195 6.82 -20.37 -12.01
C TRP B 195 6.84 -20.96 -13.43
N ILE B 196 7.63 -20.36 -14.31
CA ILE B 196 7.77 -20.81 -15.69
C ILE B 196 8.39 -22.21 -15.73
N LYS B 197 9.42 -22.42 -14.91
CA LYS B 197 10.11 -23.69 -14.85
C LYS B 197 9.19 -24.81 -14.37
N THR B 198 8.42 -24.57 -13.30
CA THR B 198 7.44 -25.55 -12.83
C THR B 198 6.29 -25.76 -13.82
N ALA B 199 6.01 -24.74 -14.64
CA ALA B 199 5.06 -24.88 -15.74
C ALA B 199 5.61 -25.76 -16.86
N LYS B 200 6.92 -25.69 -17.09
CA LYS B 200 7.61 -26.55 -18.07
C LYS B 200 7.63 -28.01 -17.61
N GLU B 201 7.96 -28.22 -16.34
CA GLU B 201 8.08 -29.56 -15.75
C GLU B 201 6.76 -30.32 -15.62
N LEU B 202 5.68 -29.59 -15.36
CA LEU B 202 4.37 -30.22 -15.15
C LEU B 202 3.62 -30.52 -16.44
N THR B 203 4.00 -29.87 -17.54
CA THR B 203 3.34 -30.08 -18.83
C THR B 203 4.20 -30.84 -19.85
N LYS B 204 5.41 -31.21 -19.47
CA LYS B 204 6.33 -31.91 -20.38
C LYS B 204 5.77 -33.25 -20.86
N ASP B 205 4.89 -33.85 -20.06
CA ASP B 205 4.28 -35.14 -20.39
C ASP B 205 2.88 -35.04 -21.01
N ASN B 206 2.32 -33.84 -21.11
CA ASN B 206 0.99 -33.66 -21.71
C ASN B 206 0.87 -32.66 -22.87
N GLY B 207 2.01 -32.34 -23.49
CA GLY B 207 1.99 -31.46 -24.65
C GLY B 207 2.78 -30.17 -24.54
N GLY B 208 3.33 -29.91 -23.35
CA GLY B 208 4.14 -28.70 -23.10
C GLY B 208 3.45 -27.38 -23.40
N ASP B 209 2.19 -27.24 -22.98
CA ASP B 209 1.49 -25.97 -23.07
C ASP B 209 1.62 -25.27 -21.72
N TRP B 210 2.74 -24.59 -21.54
CA TRP B 210 3.11 -23.99 -20.25
C TRP B 210 2.38 -22.67 -19.98
N LYS B 211 2.05 -21.94 -21.04
CA LYS B 211 1.29 -20.70 -20.91
C LYS B 211 -0.17 -21.02 -20.61
N GLY B 212 -0.66 -22.12 -21.16
CA GLY B 212 -2.00 -22.63 -20.85
C GLY B 212 -2.13 -23.05 -19.41
N TYR B 213 -1.08 -23.70 -18.89
CA TYR B 213 -1.05 -24.11 -17.49
C TYR B 213 -1.04 -22.92 -16.53
N LEU B 214 -0.21 -21.92 -16.84
CA LEU B 214 -0.12 -20.71 -16.03
C LEU B 214 -1.45 -19.99 -16.01
N GLN B 215 -2.07 -19.86 -17.17
CA GLN B 215 -3.35 -19.17 -17.29
C GLN B 215 -4.46 -19.80 -16.43
N SER B 216 -4.44 -21.12 -16.29
CA SER B 216 -5.46 -21.81 -15.50
C SER B 216 -5.24 -21.66 -13.99
N VAL B 217 -3.98 -21.56 -13.57
CA VAL B 217 -3.63 -21.22 -12.21
C VAL B 217 -4.15 -19.82 -11.85
N ALA B 218 -3.92 -18.86 -12.75
CA ALA B 218 -4.40 -17.48 -12.59
C ALA B 218 -5.93 -17.37 -12.59
N ASP B 219 -6.58 -18.15 -13.47
CA ASP B 219 -8.04 -18.23 -13.56
C ASP B 219 -8.67 -18.79 -12.29
N GLU B 220 -7.93 -19.69 -11.65
CA GLU B 220 -8.37 -20.38 -10.42
C GLU B 220 -8.24 -19.48 -9.19
N HIS B 221 -7.16 -18.71 -9.11
CA HIS B 221 -6.78 -18.02 -7.89
C HIS B 221 -7.00 -16.51 -7.86
N ALA B 222 -6.83 -15.86 -9.01
CA ALA B 222 -6.88 -14.40 -9.08
C ALA B 222 -8.05 -13.90 -9.95
N PRO B 223 -8.90 -13.03 -9.37
CA PRO B 223 -10.02 -12.36 -10.07
C PRO B 223 -9.57 -11.51 -11.26
N ILE B 224 -8.35 -10.99 -11.23
CA ILE B 224 -7.77 -10.25 -12.35
C ILE B 224 -7.31 -11.21 -13.48
N LYS B 225 -7.26 -12.50 -13.16
CA LYS B 225 -7.00 -13.58 -14.13
C LYS B 225 -5.70 -13.44 -14.91
N ARG B 226 -4.69 -12.90 -14.25
CA ARG B 226 -3.31 -12.91 -14.77
C ARG B 226 -2.29 -12.89 -13.64
N PHE B 227 -1.09 -13.38 -13.94
CA PHE B 227 0.08 -13.18 -13.09
C PHE B 227 0.52 -11.72 -13.21
N ALA B 228 1.19 -11.23 -12.18
CA ALA B 228 1.82 -9.90 -12.24
C ALA B 228 3.22 -10.02 -12.79
N SER B 229 3.70 -8.96 -13.41
CA SER B 229 5.12 -8.89 -13.78
C SER B 229 5.90 -8.55 -12.52
N PRO B 230 7.16 -9.01 -12.43
CA PRO B 230 7.94 -8.63 -11.25
C PRO B 230 8.08 -7.11 -11.13
N GLU B 231 8.11 -6.42 -12.28
CA GLU B 231 8.16 -4.95 -12.35
C GLU B 231 6.99 -4.26 -11.65
N GLU B 232 5.79 -4.84 -11.79
CA GLU B 232 4.57 -4.32 -11.14
C GLU B 232 4.70 -4.38 -9.63
N LEU B 233 5.21 -5.49 -9.14
CA LEU B 233 5.43 -5.67 -7.72
C LEU B 233 6.47 -4.68 -7.23
N ALA B 234 7.56 -4.57 -7.99
CA ALA B 234 8.69 -3.70 -7.67
C ALA B 234 8.26 -2.27 -7.32
N ASN B 235 7.35 -1.73 -8.12
CA ASN B 235 6.80 -0.40 -7.90
C ASN B 235 6.37 -0.15 -6.46
N PHE B 236 5.75 -1.16 -5.84
CA PHE B 236 5.26 -1.05 -4.48
C PHE B 236 6.38 -1.01 -3.43
N PHE B 237 7.43 -1.80 -3.65
CA PHE B 237 8.60 -1.79 -2.77
C PHE B 237 9.27 -0.42 -2.76
N VAL B 238 9.49 0.13 -3.95
CA VAL B 238 10.12 1.43 -4.10
C VAL B 238 9.34 2.55 -3.40
N PHE B 239 8.02 2.59 -3.61
CA PHE B 239 7.16 3.62 -3.03
C PHE B 239 7.12 3.54 -1.50
N LEU B 240 7.07 2.33 -0.96
CA LEU B 240 7.06 2.10 0.49
C LEU B 240 8.39 2.43 1.18
N CYS B 241 9.47 2.45 0.41
CA CYS B 241 10.78 2.80 0.96
C CYS B 241 11.11 4.26 0.71
N SER B 242 10.18 4.98 0.09
CA SER B 242 10.41 6.35 -0.36
C SER B 242 10.05 7.34 0.73
N GLU B 243 10.42 8.61 0.52
CA GLU B 243 10.04 9.67 1.44
C GLU B 243 8.60 10.15 1.16
N ARG B 244 7.91 9.47 0.25
CA ARG B 244 6.48 9.69 0.04
C ARG B 244 5.59 8.78 0.88
N ALA B 245 6.19 7.82 1.61
CA ALA B 245 5.43 6.85 2.41
C ALA B 245 5.79 6.90 3.90
N THR B 246 5.92 8.12 4.42
CA THR B 246 6.48 8.36 5.74
C THR B 246 5.56 8.01 6.92
N TYR B 247 4.30 7.66 6.64
CA TYR B 247 3.37 7.25 7.68
C TYR B 247 3.06 5.75 7.70
N SER B 248 3.70 4.99 6.82
CA SER B 248 3.52 3.54 6.77
C SER B 248 4.42 2.88 7.79
N VAL B 249 3.81 2.34 8.84
CA VAL B 249 4.54 1.70 9.93
C VAL B 249 3.79 0.44 10.38
N GLY B 250 4.51 -0.69 10.41
CA GLY B 250 3.94 -1.96 10.87
C GLY B 250 2.77 -2.50 10.09
N SER B 251 2.68 -2.13 8.81
CA SER B 251 1.53 -2.55 8.01
C SER B 251 1.87 -3.72 7.09
N ALA B 252 0.83 -4.36 6.58
CA ALA B 252 0.98 -5.48 5.67
C ALA B 252 0.23 -5.11 4.41
N TYR B 253 0.99 -4.91 3.34
CA TYR B 253 0.41 -4.48 2.08
C TYR B 253 0.33 -5.65 1.11
N PHE B 254 -0.88 -5.87 0.61
CA PHE B 254 -1.15 -6.96 -0.31
C PHE B 254 -1.08 -6.49 -1.75
N VAL B 255 -0.31 -7.20 -2.56
CA VAL B 255 -0.28 -6.97 -4.01
C VAL B 255 -0.56 -8.30 -4.68
N ASP B 256 -1.84 -8.57 -4.89
CA ASP B 256 -2.30 -9.93 -5.18
C ASP B 256 -3.36 -10.06 -6.28
N GLY B 257 -3.79 -8.92 -6.83
CA GLY B 257 -4.78 -8.92 -7.93
C GLY B 257 -6.11 -9.56 -7.59
N GLY B 258 -6.51 -9.47 -6.32
CA GLY B 258 -7.79 -9.98 -5.88
C GLY B 258 -7.71 -11.33 -5.21
N MET B 259 -6.54 -11.95 -5.26
CA MET B 259 -6.34 -13.33 -4.81
C MET B 259 -6.72 -13.57 -3.35
N LEU B 260 -6.52 -12.56 -2.51
CA LEU B 260 -6.90 -12.61 -1.10
C LEU B 260 -8.42 -12.60 -1.02
N LYS B 261 -8.97 -13.61 -0.36
CA LYS B 261 -10.40 -13.86 -0.40
C LYS B 261 -11.11 -13.31 0.83
N THR B 262 -10.33 -12.74 1.74
CA THR B 262 -10.83 -12.21 3.00
C THR B 262 -10.56 -10.71 3.10
N LEU B 263 -11.35 -10.02 3.93
CA LEU B 263 -11.11 -8.62 4.25
C LEU B 263 -9.82 -8.41 5.06
#